data_8R27
#
_entry.id   8R27
#
_cell.length_a   97.085
_cell.length_b   97.085
_cell.length_c   80.116
_cell.angle_alpha   90.000
_cell.angle_beta   90.000
_cell.angle_gamma   120.000
#
_symmetry.space_group_name_H-M   'P 65'
#
loop_
_entity.id
_entity.type
_entity.pdbx_description
1 polymer 'Serine/threonine-protein kinase pim-1'
2 polymer Pimtide
3 non-polymer GLYCEROL
4 non-polymer '4-[(~{Z})-1-cyanoprop-1-enyl]benzoic acid'
5 water water
#
loop_
_entity_poly.entity_id
_entity_poly.type
_entity_poly.pdbx_seq_one_letter_code
_entity_poly.pdbx_strand_id
1 'polypeptide(L)'
;SMLLSKINSLAHLRAAPCNDLHATKLAPGKEKEPLESQYQVGPLLGSGGFGSVYSGIRVSDNLPVAIKHVEKDRISDWGE
LPNGTRVPMEVVLLKKVSSGFSGVIRLLDWFERPDSFVLILERPEPVQDLFDFITERGALQEELARSFFWQVLEAVRHCH
NCGVLHRDIKDENILIDLNRGELKLIDFGSGALLKDTVYTDFDGTRVYSPPEWIRYHRYHGRSAAVWSLGILLYDMVCGD
IPFEHDEEIIGGQVFFRQRVS(SEP)ECQHLIRWCLALRPSDRPTFEEIQNHPWMQDVLLPQETAEIHLHSLSPGPS
;
A
2 'polypeptide(L)' ARKRRRHPSGPPTA B
#
# COMPACT_ATOMS: atom_id res chain seq x y z
N PRO A 34 -10.01 16.22 -23.45
CA PRO A 34 -8.70 16.91 -23.46
C PRO A 34 -8.12 17.09 -22.06
N LEU A 35 -6.95 16.50 -21.81
CA LEU A 35 -6.32 16.62 -20.50
C LEU A 35 -5.73 18.00 -20.26
N GLU A 36 -5.08 18.59 -21.27
CA GLU A 36 -4.40 19.86 -21.08
C GLU A 36 -5.36 21.02 -20.85
N SER A 37 -6.64 20.84 -21.17
CA SER A 37 -7.65 21.87 -20.94
C SER A 37 -8.33 21.71 -19.59
N GLN A 38 -8.55 20.48 -19.16
CA GLN A 38 -9.26 20.21 -17.91
C GLN A 38 -8.37 20.31 -16.69
N TYR A 39 -7.05 20.34 -16.85
CA TYR A 39 -6.14 20.36 -15.72
C TYR A 39 -4.98 21.30 -16.00
N GLN A 40 -4.61 22.10 -14.99
CA GLN A 40 -3.34 22.82 -15.02
C GLN A 40 -2.27 21.85 -14.50
N VAL A 41 -1.34 21.50 -15.38
CA VAL A 41 -0.29 20.54 -15.07
C VAL A 41 0.90 21.28 -14.46
N GLY A 42 1.36 20.81 -13.31
CA GLY A 42 2.48 21.41 -12.65
C GLY A 42 3.74 20.59 -12.83
N PRO A 43 4.69 20.75 -11.92
CA PRO A 43 5.96 20.05 -12.06
C PRO A 43 5.86 18.59 -11.61
N LEU A 44 6.90 17.85 -11.93
CA LEU A 44 7.04 16.48 -11.48
C LEU A 44 6.90 16.40 -9.97
N LEU A 45 6.20 15.38 -9.49
CA LEU A 45 6.06 15.12 -8.07
C LEU A 45 7.14 14.15 -7.62
N GLY A 46 7.85 14.48 -6.54
CA GLY A 46 8.79 13.57 -5.95
C GLY A 46 9.98 13.23 -6.82
N SER A 47 10.21 14.01 -7.88
CA SER A 47 11.35 13.86 -8.79
C SER A 47 11.40 12.47 -9.41
N GLY A 48 10.24 11.88 -9.71
CA GLY A 48 10.17 10.58 -10.35
C GLY A 48 10.07 9.40 -9.40
N GLY A 49 10.23 9.61 -8.08
CA GLY A 49 10.20 8.52 -7.12
C GLY A 49 8.88 7.78 -7.06
N PHE A 50 7.78 8.41 -7.50
CA PHE A 50 6.49 7.77 -7.65
C PHE A 50 6.23 7.32 -9.08
N GLY A 51 7.22 7.43 -9.96
CA GLY A 51 7.02 7.20 -11.37
C GLY A 51 6.84 8.54 -12.07
N SER A 52 6.17 8.55 -13.21
CA SER A 52 5.92 9.82 -13.89
C SER A 52 4.60 10.38 -13.36
N VAL A 53 4.68 11.00 -12.18
CA VAL A 53 3.54 11.57 -11.50
C VAL A 53 3.78 13.06 -11.34
N TYR A 54 2.85 13.87 -11.85
CA TYR A 54 2.98 15.33 -11.85
C TYR A 54 1.89 15.94 -10.98
N SER A 55 2.25 17.02 -10.29
CA SER A 55 1.25 17.80 -9.58
C SER A 55 0.29 18.43 -10.56
N GLY A 56 -0.94 18.58 -10.13
CA GLY A 56 -1.94 19.14 -11.01
C GLY A 56 -3.07 19.72 -10.19
N ILE A 57 -3.88 20.51 -10.87
CA ILE A 57 -5.07 21.12 -10.30
C ILE A 57 -6.17 21.02 -11.35
N ARG A 58 -7.32 20.48 -10.95
CA ARG A 58 -8.46 20.44 -11.85
C ARG A 58 -9.05 21.83 -12.00
N VAL A 59 -9.20 22.28 -13.24
CA VAL A 59 -9.63 23.66 -13.49
C VAL A 59 -11.08 23.87 -13.06
N SER A 60 -11.90 22.83 -13.14
CA SER A 60 -13.33 22.97 -12.83
C SER A 60 -13.57 23.48 -11.42
N ASP A 61 -12.77 23.00 -10.44
CA ASP A 61 -13.02 23.37 -9.05
C ASP A 61 -11.75 23.51 -8.22
N ASN A 62 -10.58 23.67 -8.85
CA ASN A 62 -9.30 23.84 -8.16
C ASN A 62 -8.95 22.66 -7.24
N LEU A 63 -9.50 21.50 -7.54
CA LEU A 63 -9.17 20.31 -6.75
C LEU A 63 -7.74 19.87 -7.02
N PRO A 64 -6.92 19.70 -6.00
CA PRO A 64 -5.55 19.17 -6.22
C PRO A 64 -5.62 17.74 -6.73
N VAL A 65 -4.79 17.45 -7.75
CA VAL A 65 -4.74 16.12 -8.35
C VAL A 65 -3.29 15.71 -8.56
N ALA A 66 -3.09 14.40 -8.69
CA ALA A 66 -1.84 13.82 -9.14
C ALA A 66 -2.10 13.20 -10.50
N ILE A 67 -1.22 13.49 -11.46
CA ILE A 67 -1.40 13.07 -12.84
C ILE A 67 -0.32 12.04 -13.14
N LYS A 68 -0.71 10.79 -13.26
CA LYS A 68 0.20 9.67 -13.37
C LYS A 68 0.19 9.12 -14.79
N HIS A 69 1.37 9.01 -15.39
CA HIS A 69 1.55 8.56 -16.75
C HIS A 69 2.16 7.18 -16.74
N VAL A 70 1.59 6.28 -17.54
CA VAL A 70 2.08 4.91 -17.65
C VAL A 70 2.28 4.59 -19.13
N GLU A 71 3.46 4.09 -19.48
CA GLU A 71 3.75 3.73 -20.86
C GLU A 71 3.09 2.41 -21.22
N LYS A 72 2.43 2.37 -22.38
CA LYS A 72 1.80 1.14 -22.83
C LYS A 72 2.81 0.01 -22.95
N ASP A 73 4.02 0.32 -23.41
CA ASP A 73 5.03 -0.70 -23.65
C ASP A 73 5.55 -1.32 -22.36
N ARG A 74 5.31 -0.69 -21.20
CA ARG A 74 5.77 -1.19 -19.92
C ARG A 74 4.67 -1.84 -19.10
N ILE A 75 3.50 -2.05 -19.67
CA ILE A 75 2.35 -2.58 -18.93
C ILE A 75 2.37 -4.09 -18.99
N SER A 76 2.30 -4.72 -17.82
CA SER A 76 2.34 -6.18 -17.73
C SER A 76 0.97 -6.80 -17.97
N ASP A 77 -0.01 -6.46 -17.12
CA ASP A 77 -1.34 -7.05 -17.19
C ASP A 77 -2.34 -6.04 -17.74
N TRP A 78 -3.21 -6.51 -18.65
CA TRP A 78 -4.24 -5.70 -19.27
C TRP A 78 -5.61 -6.20 -18.84
N GLY A 79 -6.57 -5.26 -18.78
CA GLY A 79 -7.94 -5.59 -18.47
C GLY A 79 -8.90 -4.95 -19.46
N GLU A 80 -10.18 -5.21 -19.22
CA GLU A 80 -11.26 -4.68 -20.04
C GLU A 80 -12.22 -3.89 -19.16
N LEU A 81 -12.74 -2.79 -19.70
CA LEU A 81 -13.63 -1.90 -18.96
C LEU A 81 -15.08 -2.10 -19.38
N ASN A 83 -17.76 -2.22 -21.07
CA ASN A 83 -17.38 -1.93 -22.45
C ASN A 83 -16.18 -2.78 -22.86
N GLY A 84 -15.85 -2.74 -24.16
CA GLY A 84 -14.71 -3.46 -24.68
C GLY A 84 -13.39 -2.71 -24.60
N THR A 85 -13.33 -1.61 -23.86
CA THR A 85 -12.13 -0.78 -23.82
C THR A 85 -11.01 -1.54 -23.11
N ARG A 86 -9.90 -1.75 -23.82
CA ARG A 86 -8.72 -2.42 -23.27
C ARG A 86 -7.88 -1.39 -22.52
N VAL A 87 -7.74 -1.57 -21.21
CA VAL A 87 -7.04 -0.60 -20.38
C VAL A 87 -6.05 -1.34 -19.49
N PRO A 88 -5.05 -0.65 -18.95
CA PRO A 88 -4.17 -1.29 -17.96
C PRO A 88 -4.99 -1.84 -16.80
N MET A 89 -4.58 -3.01 -16.30
CA MET A 89 -5.22 -3.57 -15.11
C MET A 89 -5.26 -2.56 -13.98
N GLU A 90 -4.24 -1.71 -13.86
CA GLU A 90 -4.20 -0.72 -12.79
C GLU A 90 -5.44 0.18 -12.85
N VAL A 91 -5.87 0.55 -14.05
CA VAL A 91 -7.09 1.34 -14.17
C VAL A 91 -8.31 0.53 -13.74
N VAL A 92 -8.36 -0.75 -14.13
CA VAL A 92 -9.47 -1.63 -13.70
C VAL A 92 -9.54 -1.68 -12.18
N LEU A 93 -8.40 -1.88 -11.53
CA LEU A 93 -8.39 -2.05 -10.08
C LEU A 93 -8.75 -0.75 -9.38
N LEU A 94 -8.15 0.36 -9.82
CA LEU A 94 -8.45 1.66 -9.24
C LEU A 94 -9.92 2.00 -9.38
N LYS A 95 -10.53 1.71 -10.53
CA LYS A 95 -11.95 2.00 -10.69
C LYS A 95 -12.78 1.17 -9.74
N LYS A 96 -12.41 -0.09 -9.51
CA LYS A 96 -13.20 -0.95 -8.62
C LYS A 96 -13.15 -0.48 -7.17
N VAL A 97 -12.04 0.14 -6.74
CA VAL A 97 -11.97 0.61 -5.36
C VAL A 97 -12.35 2.08 -5.22
N SER A 98 -12.69 2.76 -6.31
CA SER A 98 -13.03 4.17 -6.25
C SER A 98 -14.42 4.35 -5.64
N SER A 99 -14.50 5.08 -4.53
CA SER A 99 -15.76 5.31 -3.81
C SER A 99 -15.51 6.39 -2.77
N GLY A 100 -16.46 6.55 -1.84
CA GLY A 100 -16.30 7.51 -0.76
C GLY A 100 -15.32 7.09 0.31
N PHE A 101 -14.97 5.80 0.38
CA PHE A 101 -14.00 5.33 1.35
C PHE A 101 -12.66 6.01 1.11
N SER A 102 -12.12 6.63 2.14
CA SER A 102 -10.94 7.45 2.00
C SER A 102 -9.63 6.70 2.20
N GLY A 103 -9.68 5.38 2.41
CA GLY A 103 -8.44 4.66 2.67
C GLY A 103 -7.62 4.30 1.43
N VAL A 104 -8.17 4.46 0.24
CA VAL A 104 -7.44 4.14 -0.98
C VAL A 104 -7.44 5.40 -1.85
N ILE A 105 -6.37 5.56 -2.65
CA ILE A 105 -6.31 6.72 -3.55
C ILE A 105 -7.49 6.64 -4.53
N ARG A 106 -8.08 7.79 -4.83
CA ARG A 106 -9.27 7.85 -5.67
C ARG A 106 -8.92 8.24 -7.10
N LEU A 107 -9.22 7.35 -8.05
CA LEU A 107 -9.09 7.66 -9.47
C LEU A 107 -10.27 8.52 -9.90
N LEU A 108 -9.99 9.74 -10.36
CA LEU A 108 -11.05 10.64 -10.80
C LEU A 108 -11.38 10.49 -12.27
N ASP A 109 -10.41 10.09 -13.08
CA ASP A 109 -10.58 10.03 -14.52
C ASP A 109 -9.30 9.42 -15.09
N TRP A 110 -9.34 9.08 -16.37
CA TRP A 110 -8.18 8.57 -17.06
C TRP A 110 -8.34 8.85 -18.55
N PHE A 111 -7.21 8.86 -19.24
CA PHE A 111 -7.17 9.16 -20.67
C PHE A 111 -6.26 8.17 -21.36
N GLU A 112 -6.59 7.83 -22.59
CA GLU A 112 -5.68 7.04 -23.43
C GLU A 112 -4.97 7.96 -24.41
N ARG A 113 -3.67 7.74 -24.58
CA ARG A 113 -2.83 8.44 -25.54
C ARG A 113 -2.22 7.40 -26.47
N PRO A 114 -1.64 7.81 -27.61
CA PRO A 114 -1.02 6.81 -28.50
C PRO A 114 -0.09 5.83 -27.81
N ASP A 115 0.79 6.31 -26.92
CA ASP A 115 1.81 5.47 -26.32
C ASP A 115 1.66 5.31 -24.81
N SER A 116 0.59 5.81 -24.22
CA SER A 116 0.50 5.81 -22.75
C SER A 116 -0.95 5.97 -22.31
N PHE A 117 -1.15 5.74 -21.02
CA PHE A 117 -2.38 6.07 -20.31
C PHE A 117 -2.07 7.11 -19.25
N VAL A 118 -3.03 7.99 -19.00
CA VAL A 118 -2.88 9.06 -18.04
C VAL A 118 -3.97 8.90 -16.98
N LEU A 119 -3.57 8.82 -15.71
CA LEU A 119 -4.48 8.59 -14.59
C LEU A 119 -4.57 9.85 -13.75
N ILE A 120 -5.79 10.30 -13.47
CA ILE A 120 -6.02 11.48 -12.64
C ILE A 120 -6.43 11.01 -11.26
N LEU A 121 -5.59 11.28 -10.26
CA LEU A 121 -5.85 10.85 -8.89
C LEU A 121 -6.10 12.08 -8.02
N GLU A 122 -7.04 11.96 -7.09
CA GLU A 122 -7.27 13.02 -6.11
C GLU A 122 -6.09 13.09 -5.15
N ARG A 123 -5.51 14.28 -5.02
CA ARG A 123 -4.26 14.42 -4.28
C ARG A 123 -4.55 15.06 -2.93
N PRO A 124 -4.29 14.37 -1.82
CA PRO A 124 -4.37 15.01 -0.51
C PRO A 124 -3.18 15.94 -0.29
N GLU A 125 -3.39 16.93 0.59
CA GLU A 125 -2.38 17.91 0.90
C GLU A 125 -2.66 18.46 2.30
N PRO A 126 -1.63 18.59 3.15
CA PRO A 126 -0.24 18.21 2.96
C PRO A 126 -0.07 16.72 3.17
N VAL A 127 0.97 16.13 2.59
CA VAL A 127 1.13 14.69 2.55
C VAL A 127 2.60 14.35 2.78
N GLN A 128 2.86 13.20 3.39
CA GLN A 128 4.17 12.57 3.41
C GLN A 128 3.96 11.07 3.32
N ASP A 129 4.80 10.38 2.56
CA ASP A 129 4.55 8.94 2.52
C ASP A 129 5.13 8.31 3.78
N LEU A 130 4.64 7.11 4.09
CA LEU A 130 5.00 6.49 5.36
C LEU A 130 6.46 6.07 5.40
N PHE A 131 7.06 5.78 4.25
CA PHE A 131 8.48 5.46 4.26
C PHE A 131 9.30 6.65 4.77
N ASP A 132 9.06 7.84 4.21
CA ASP A 132 9.81 9.02 4.65
C ASP A 132 9.46 9.38 6.09
N PHE A 133 8.18 9.22 6.47
CA PHE A 133 7.75 9.50 7.85
C PHE A 133 8.54 8.67 8.86
N ILE A 134 8.67 7.38 8.60
CA ILE A 134 9.40 6.48 9.49
C ILE A 134 10.90 6.78 9.47
N THR A 135 11.45 7.05 8.28
CA THR A 135 12.85 7.46 8.22
C THR A 135 13.11 8.67 9.12
N GLU A 136 12.22 9.65 9.09
CA GLU A 136 12.47 10.86 9.85
C GLU A 136 12.14 10.69 11.33
N ARG A 137 11.14 9.90 11.66
CA ARG A 137 10.74 9.74 13.05
C ARG A 137 11.41 8.58 13.76
N GLY A 138 11.95 7.61 13.01
CA GLY A 138 12.40 6.39 13.63
C GLY A 138 11.22 5.48 13.95
N ALA A 139 11.48 4.51 14.82
CA ALA A 139 10.43 3.60 15.31
C ALA A 139 9.27 4.39 15.89
N LEU A 140 8.05 4.05 15.47
CA LEU A 140 6.86 4.76 15.92
C LEU A 140 6.36 4.23 17.26
N GLN A 141 5.86 5.14 18.10
CA GLN A 141 5.15 4.75 19.29
C GLN A 141 4.01 3.79 18.94
N GLU A 142 3.79 2.80 19.80
CA GLU A 142 2.81 1.76 19.45
C GLU A 142 1.41 2.33 19.28
N GLU A 143 1.06 3.37 20.03
CA GLU A 143 -0.25 3.97 19.85
C GLU A 143 -0.42 4.50 18.43
N LEU A 144 0.66 5.08 17.87
CA LEU A 144 0.61 5.61 16.52
C LEU A 144 0.68 4.49 15.48
N ALA A 145 1.54 3.50 15.71
CA ALA A 145 1.59 2.33 14.83
C ALA A 145 0.24 1.62 14.80
N ARG A 146 -0.45 1.55 15.95
CA ARG A 146 -1.76 0.89 16.00
C ARG A 146 -2.77 1.63 15.14
N SER A 147 -2.79 2.95 15.25
CA SER A 147 -3.73 3.75 14.46
C SER A 147 -3.45 3.58 12.98
N PHE A 148 -2.17 3.70 12.58
CA PHE A 148 -1.80 3.57 11.17
C PHE A 148 -2.13 2.16 10.65
N PHE A 149 -1.73 1.14 11.42
CA PHE A 149 -1.93 -0.24 10.98
C PHE A 149 -3.40 -0.56 10.83
N TRP A 150 -4.22 -0.10 11.78
CA TRP A 150 -5.67 -0.29 11.70
C TRP A 150 -6.22 0.29 10.41
N GLN A 151 -5.82 1.52 10.08
CA GLN A 151 -6.30 2.16 8.86
C GLN A 151 -5.87 1.40 7.62
N VAL A 152 -4.65 0.86 7.62
CA VAL A 152 -4.22 0.06 6.48
C VAL A 152 -5.05 -1.21 6.39
N LEU A 153 -5.30 -1.87 7.52
CA LEU A 153 -6.18 -3.04 7.52
C LEU A 153 -7.55 -2.70 6.93
N GLU A 154 -8.13 -1.57 7.33
CA GLU A 154 -9.46 -1.23 6.80
C GLU A 154 -9.38 -0.98 5.30
N ALA A 155 -8.31 -0.35 4.84
CA ALA A 155 -8.12 -0.08 3.40
C ALA A 155 -7.97 -1.38 2.61
N VAL A 156 -7.15 -2.30 3.10
CA VAL A 156 -6.95 -3.58 2.42
C VAL A 156 -8.25 -4.39 2.43
N ARG A 157 -9.00 -4.35 3.54
CA ARG A 157 -10.32 -5.00 3.56
C ARG A 157 -11.23 -4.43 2.48
N HIS A 158 -11.20 -3.11 2.32
CA HIS A 158 -12.01 -2.46 1.27
C HIS A 158 -11.60 -2.97 -0.11
N CYS A 159 -10.29 -3.03 -0.37
CA CYS A 159 -9.82 -3.55 -1.65
C CYS A 159 -10.35 -4.96 -1.89
N HIS A 160 -10.15 -5.84 -0.91
CA HIS A 160 -10.59 -7.22 -1.07
C HIS A 160 -12.10 -7.31 -1.24
N ASN A 161 -12.87 -6.51 -0.48
CA ASN A 161 -14.33 -6.51 -0.66
C ASN A 161 -14.72 -6.07 -2.08
N CYS A 162 -13.90 -5.22 -2.70
CA CYS A 162 -14.15 -4.76 -4.06
C CYS A 162 -13.53 -5.66 -5.13
N GLY A 163 -12.97 -6.80 -4.76
CA GLY A 163 -12.42 -7.73 -5.75
C GLY A 163 -11.00 -7.42 -6.18
N VAL A 164 -10.25 -6.67 -5.39
CA VAL A 164 -8.93 -6.17 -5.76
C VAL A 164 -7.88 -6.65 -4.75
N LEU A 165 -6.78 -7.21 -5.26
CA LEU A 165 -5.61 -7.59 -4.46
C LEU A 165 -4.46 -6.64 -4.81
N HIS A 166 -3.95 -5.93 -3.80
CA HIS A 166 -2.98 -4.87 -4.08
C HIS A 166 -1.61 -5.45 -4.45
N ARG A 167 -1.14 -6.42 -3.67
CA ARG A 167 0.14 -7.14 -3.90
C ARG A 167 1.39 -6.29 -3.74
N ASP A 168 1.31 -5.06 -3.25
CA ASP A 168 2.53 -4.29 -3.00
C ASP A 168 2.34 -3.42 -1.76
N ILE A 169 1.72 -3.96 -0.72
CA ILE A 169 1.59 -3.23 0.53
C ILE A 169 2.98 -3.01 1.11
N LYS A 170 3.36 -1.74 1.29
CA LYS A 170 4.62 -1.36 1.94
C LYS A 170 4.53 0.10 2.32
N ASP A 171 5.45 0.55 3.19
CA ASP A 171 5.36 1.93 3.66
C ASP A 171 5.51 2.93 2.51
N GLU A 172 6.27 2.59 1.46
CA GLU A 172 6.42 3.49 0.32
C GLU A 172 5.09 3.75 -0.41
N ASN A 173 4.15 2.80 -0.30
CA ASN A 173 2.89 2.88 -1.02
C ASN A 173 1.75 3.30 -0.11
N ILE A 174 2.07 4.03 0.96
CA ILE A 174 1.09 4.55 1.89
C ILE A 174 1.35 6.04 2.06
N LEU A 175 0.34 6.85 1.79
CA LEU A 175 0.40 8.30 1.99
C LEU A 175 -0.30 8.66 3.29
N ILE A 176 0.30 9.58 4.05
CA ILE A 176 -0.31 10.11 5.26
C ILE A 176 -0.86 11.50 4.97
N ASP A 177 -2.16 11.68 5.14
CA ASP A 177 -2.74 13.02 5.18
C ASP A 177 -2.41 13.63 6.53
N LEU A 178 -1.47 14.57 6.56
CA LEU A 178 -0.93 15.02 7.83
C LEU A 178 -1.93 15.86 8.62
N ASN A 179 -2.88 16.51 7.95
CA ASN A 179 -3.82 17.32 8.70
C ASN A 179 -5.03 16.52 9.15
N ARG A 180 -5.41 15.49 8.41
CA ARG A 180 -6.56 14.69 8.78
C ARG A 180 -6.21 13.40 9.51
N GLY A 181 -4.93 13.01 9.51
CA GLY A 181 -4.54 11.75 10.14
C GLY A 181 -5.03 10.52 9.40
N GLU A 182 -5.29 10.64 8.10
CA GLU A 182 -5.83 9.56 7.30
C GLU A 182 -4.76 9.01 6.36
N LEU A 183 -4.65 7.68 6.30
CA LEU A 183 -3.70 7.00 5.43
C LEU A 183 -4.38 6.61 4.13
N LYS A 184 -3.61 6.66 3.04
CA LYS A 184 -4.11 6.33 1.70
C LYS A 184 -3.20 5.30 1.05
N LEU A 185 -3.77 4.17 0.63
CA LEU A 185 -3.02 3.16 -0.12
C LEU A 185 -2.88 3.62 -1.57
N ILE A 186 -1.66 3.58 -2.10
CA ILE A 186 -1.42 4.03 -3.47
C ILE A 186 -0.73 2.93 -4.26
N ASP A 187 -0.57 3.22 -5.56
CA ASP A 187 0.19 2.42 -6.53
C ASP A 187 -0.36 1.01 -6.65
N PHE A 188 -1.44 0.87 -7.42
CA PHE A 188 -2.03 -0.41 -7.73
C PHE A 188 -1.39 -1.08 -8.95
N GLY A 189 -0.20 -0.64 -9.35
CA GLY A 189 0.43 -1.11 -10.57
C GLY A 189 0.98 -2.53 -10.52
N SER A 190 1.00 -3.15 -9.34
CA SER A 190 1.38 -4.56 -9.20
C SER A 190 0.19 -5.42 -8.84
N GLY A 191 -1.01 -4.84 -8.80
CA GLY A 191 -2.16 -5.53 -8.27
C GLY A 191 -2.76 -6.53 -9.25
N ALA A 192 -3.83 -7.17 -8.79
CA ALA A 192 -4.54 -8.17 -9.58
C ALA A 192 -5.98 -8.23 -9.10
N LEU A 193 -6.84 -8.80 -9.94
CA LEU A 193 -8.16 -9.15 -9.45
C LEU A 193 -8.00 -10.19 -8.35
N LEU A 194 -8.78 -10.04 -7.29
CA LEU A 194 -8.69 -10.99 -6.20
C LEU A 194 -9.32 -12.31 -6.64
N LYS A 195 -8.61 -13.41 -6.41
CA LYS A 195 -9.16 -14.73 -6.70
C LYS A 195 -8.80 -15.63 -5.52
N ASP A 196 -9.50 -16.77 -5.43
CA ASP A 196 -9.25 -17.74 -4.38
C ASP A 196 -8.28 -18.84 -4.82
N THR A 197 -7.93 -18.89 -6.10
CA THR A 197 -6.99 -19.88 -6.60
C THR A 197 -5.58 -19.34 -6.50
N VAL A 198 -4.60 -20.15 -6.87
CA VAL A 198 -3.20 -19.85 -6.59
C VAL A 198 -2.69 -18.81 -7.59
N TYR A 199 -1.82 -17.91 -7.11
CA TYR A 199 -1.08 -16.98 -7.95
C TYR A 199 0.31 -17.54 -8.22
N THR A 200 0.74 -17.49 -9.49
CA THR A 200 2.06 -17.95 -9.89
C THR A 200 2.93 -16.85 -10.49
N ASP A 201 2.42 -15.62 -10.53
CA ASP A 201 3.16 -14.44 -10.97
C ASP A 201 3.18 -13.44 -9.83
N PHE A 202 4.20 -12.57 -9.82
CA PHE A 202 4.32 -11.55 -8.78
C PHE A 202 5.31 -10.49 -9.23
N ASP A 203 4.90 -9.22 -9.14
CA ASP A 203 5.80 -8.11 -9.47
C ASP A 203 5.83 -7.04 -8.39
N GLY A 204 5.49 -7.38 -7.15
CA GLY A 204 5.60 -6.45 -6.04
C GLY A 204 7.01 -6.37 -5.48
N THR A 205 7.11 -6.01 -4.20
CA THR A 205 8.40 -5.78 -3.56
C THR A 205 8.87 -7.07 -2.87
N ARG A 206 10.04 -7.55 -3.27
CA ARG A 206 10.48 -8.88 -2.84
C ARG A 206 10.64 -8.98 -1.32
N VAL A 207 11.21 -7.94 -0.69
CA VAL A 207 11.42 -8.00 0.76
C VAL A 207 10.12 -7.91 1.55
N TYR A 208 8.99 -7.65 0.90
CA TYR A 208 7.69 -7.80 1.54
C TYR A 208 6.96 -9.06 1.10
N SER A 209 7.60 -9.91 0.23
CA SER A 209 6.90 -11.07 -0.30
C SER A 209 7.11 -12.27 0.61
N PRO A 210 6.18 -13.24 0.58
CA PRO A 210 6.18 -14.28 1.61
C PRO A 210 7.08 -15.44 1.24
N PRO A 211 7.43 -16.29 2.21
CA PRO A 211 8.37 -17.39 1.91
C PRO A 211 7.85 -18.39 0.88
N GLU A 212 6.54 -18.59 0.79
CA GLU A 212 6.06 -19.53 -0.23
C GLU A 212 6.27 -18.97 -1.64
N TRP A 213 6.38 -17.64 -1.79
CA TRP A 213 6.75 -17.09 -3.09
C TRP A 213 8.23 -17.26 -3.36
N ILE A 214 9.08 -16.97 -2.36
CA ILE A 214 10.52 -17.18 -2.50
C ILE A 214 10.82 -18.64 -2.83
N ARG A 215 10.17 -19.58 -2.14
CA ARG A 215 10.56 -20.98 -2.26
C ARG A 215 9.90 -21.65 -3.46
N TYR A 216 8.62 -21.37 -3.72
CA TYR A 216 7.85 -22.15 -4.68
C TYR A 216 7.26 -21.33 -5.83
N HIS A 217 7.40 -20.01 -5.80
CA HIS A 217 6.79 -19.14 -6.82
C HIS A 217 5.28 -19.35 -6.88
N ARG A 218 4.67 -19.58 -5.72
CA ARG A 218 3.24 -19.79 -5.58
C ARG A 218 2.78 -19.10 -4.30
N TYR A 219 1.57 -18.53 -4.33
CA TYR A 219 0.98 -17.97 -3.12
C TYR A 219 -0.52 -17.79 -3.36
N HIS A 220 -1.24 -17.71 -2.25
CA HIS A 220 -2.64 -17.29 -2.26
C HIS A 220 -2.73 -15.86 -1.75
N GLY A 221 -3.72 -15.13 -2.24
CA GLY A 221 -3.69 -13.67 -2.14
C GLY A 221 -3.80 -13.16 -0.71
N ARG A 222 -4.77 -13.68 0.04
N ARG A 222 -4.76 -13.68 0.05
CA ARG A 222 -5.03 -13.14 1.37
CA ARG A 222 -5.01 -13.12 1.37
C ARG A 222 -3.89 -13.44 2.33
C ARG A 222 -3.90 -13.44 2.35
N SER A 223 -3.39 -14.69 2.34
CA SER A 223 -2.32 -15.02 3.27
C SER A 223 -1.02 -14.32 2.88
N ALA A 224 -0.80 -14.07 1.58
CA ALA A 224 0.37 -13.28 1.18
C ALA A 224 0.23 -11.84 1.63
N ALA A 225 -0.98 -11.28 1.54
CA ALA A 225 -1.20 -9.91 2.02
C ALA A 225 -0.92 -9.81 3.51
N VAL A 226 -1.39 -10.79 4.29
CA VAL A 226 -1.16 -10.80 5.73
C VAL A 226 0.34 -10.84 6.04
N TRP A 227 1.11 -11.63 5.27
CA TRP A 227 2.55 -11.61 5.47
C TRP A 227 3.12 -10.20 5.26
N SER A 228 2.72 -9.53 4.16
CA SER A 228 3.27 -8.19 3.91
C SER A 228 2.86 -7.22 5.00
N LEU A 229 1.69 -7.43 5.61
CA LEU A 229 1.25 -6.57 6.71
C LEU A 229 2.07 -6.82 7.98
N GLY A 230 2.51 -8.07 8.21
CA GLY A 230 3.46 -8.32 9.28
C GLY A 230 4.78 -7.60 9.08
N ILE A 231 5.28 -7.60 7.84
CA ILE A 231 6.50 -6.86 7.53
C ILE A 231 6.29 -5.38 7.81
N LEU A 232 5.14 -4.86 7.38
CA LEU A 232 4.81 -3.45 7.56
C LEU A 232 4.70 -3.08 9.04
N LEU A 233 4.07 -3.93 9.84
CA LEU A 233 3.92 -3.61 11.26
C LEU A 233 5.28 -3.63 11.98
N TYR A 234 6.11 -4.63 11.71
CA TYR A 234 7.48 -4.62 12.21
C TYR A 234 8.20 -3.33 11.81
N ASP A 235 8.09 -2.95 10.53
CA ASP A 235 8.66 -1.70 10.01
C ASP A 235 8.23 -0.50 10.86
N MET A 236 6.94 -0.38 11.18
CA MET A 236 6.48 0.76 11.96
C MET A 236 7.06 0.77 13.39
N VAL A 237 7.04 -0.37 14.08
CA VAL A 237 7.42 -0.35 15.50
C VAL A 237 8.92 -0.52 15.72
N CYS A 238 9.68 -0.92 14.69
CA CYS A 238 11.12 -1.07 14.83
C CYS A 238 11.92 -0.06 14.01
N GLY A 239 11.30 0.64 13.06
CA GLY A 239 11.97 1.66 12.28
C GLY A 239 12.57 1.19 10.97
N ASP A 240 12.55 -0.12 10.70
CA ASP A 240 12.89 -0.65 9.40
C ASP A 240 12.35 -2.07 9.32
N ILE A 241 12.27 -2.59 8.10
CA ILE A 241 11.71 -3.93 7.85
C ILE A 241 12.64 -4.97 8.46
N PRO A 242 12.18 -6.17 8.76
CA PRO A 242 13.04 -7.14 9.45
C PRO A 242 13.98 -7.89 8.52
N PHE A 243 13.61 -8.11 7.26
CA PHE A 243 14.35 -9.00 6.38
C PHE A 243 14.84 -8.24 5.16
N GLU A 244 16.12 -8.44 4.80
CA GLU A 244 16.66 -7.94 3.54
C GLU A 244 17.00 -9.03 2.54
N HIS A 245 17.25 -10.27 2.99
CA HIS A 245 17.71 -11.35 2.12
C HIS A 245 16.72 -12.51 2.13
N ASP A 246 16.71 -13.25 1.01
CA ASP A 246 15.84 -14.42 0.90
C ASP A 246 16.00 -15.36 2.10
N GLU A 247 17.23 -15.55 2.57
CA GLU A 247 17.47 -16.50 3.65
C GLU A 247 16.76 -16.07 4.93
N GLU A 248 16.70 -14.77 5.19
CA GLU A 248 15.96 -14.26 6.35
C GLU A 248 14.46 -14.42 6.16
N ILE A 249 13.96 -14.20 4.94
CA ILE A 249 12.53 -14.34 4.69
C ILE A 249 12.06 -15.76 4.99
N ILE A 250 12.81 -16.75 4.52
CA ILE A 250 12.39 -18.13 4.72
C ILE A 250 12.83 -18.70 6.06
N GLY A 251 13.74 -18.02 6.77
CA GLY A 251 14.35 -18.61 7.96
C GLY A 251 13.42 -18.78 9.15
N GLY A 252 12.39 -17.94 9.26
CA GLY A 252 11.44 -18.10 10.34
C GLY A 252 11.85 -17.56 11.70
N GLN A 253 12.77 -16.59 11.75
CA GLN A 253 13.19 -15.97 13.00
C GLN A 253 12.98 -14.46 12.89
N VAL A 254 12.33 -13.88 13.90
CA VAL A 254 12.08 -12.45 13.96
C VAL A 254 12.79 -11.91 15.18
N PHE A 255 13.83 -11.11 14.96
CA PHE A 255 14.57 -10.45 16.03
C PHE A 255 14.05 -9.04 16.18
N PHE A 256 13.77 -8.62 17.42
CA PHE A 256 13.28 -7.27 17.67
C PHE A 256 14.43 -6.37 18.11
N ARG A 257 14.67 -5.34 17.32
CA ARG A 257 15.78 -4.41 17.51
C ARG A 257 15.38 -3.22 18.37
N GLN A 258 14.09 -3.08 18.65
CA GLN A 258 13.54 -2.01 19.45
C GLN A 258 12.67 -2.64 20.54
N ARG A 259 12.47 -1.91 21.62
CA ARG A 259 11.52 -2.31 22.64
C ARG A 259 10.10 -2.36 22.04
N VAL A 260 9.50 -3.54 21.99
CA VAL A 260 8.17 -3.74 21.45
C VAL A 260 7.40 -4.62 22.44
N SER A 261 6.15 -4.24 22.74
CA SER A 261 5.33 -4.96 23.70
C SER A 261 5.17 -6.42 23.28
N GLU A 263 2.47 -8.16 23.29
CA GLU A 263 1.26 -8.29 22.45
C GLU A 263 1.55 -7.94 21.00
N CYS A 264 2.32 -6.87 20.79
CA CYS A 264 2.66 -6.48 19.42
C CYS A 264 3.61 -7.49 18.79
N GLN A 265 4.63 -7.95 19.53
CA GLN A 265 5.50 -9.00 19.04
C GLN A 265 4.69 -10.24 18.61
N HIS A 266 3.70 -10.61 19.42
CA HIS A 266 2.93 -11.81 19.10
C HIS A 266 2.18 -11.65 17.79
N LEU A 267 1.50 -10.50 17.60
CA LEU A 267 0.79 -10.26 16.35
C LEU A 267 1.73 -10.27 15.15
N ILE A 268 2.88 -9.61 15.26
CA ILE A 268 3.85 -9.62 14.18
C ILE A 268 4.27 -11.04 13.84
N ARG A 269 4.65 -11.82 14.87
CA ARG A 269 5.13 -13.17 14.62
C ARG A 269 4.04 -14.02 14.00
N TRP A 270 2.78 -13.74 14.34
CA TRP A 270 1.66 -14.52 13.81
C TRP A 270 1.44 -14.20 12.33
N CYS A 271 1.49 -12.92 11.97
CA CYS A 271 1.42 -12.52 10.56
C CYS A 271 2.57 -13.10 9.76
N LEU A 272 3.73 -13.26 10.40
CA LEU A 272 4.93 -13.78 9.74
C LEU A 272 5.12 -15.27 9.95
N ALA A 273 4.03 -16.00 10.19
CA ALA A 273 4.13 -17.46 10.22
C ALA A 273 4.64 -17.98 8.88
N LEU A 274 5.56 -18.95 8.93
CA LEU A 274 6.13 -19.51 7.71
C LEU A 274 5.06 -20.19 6.85
N ARG A 275 4.19 -20.97 7.46
CA ARG A 275 3.17 -21.64 6.67
C ARG A 275 1.95 -20.74 6.51
N PRO A 276 1.47 -20.53 5.28
CA PRO A 276 0.37 -19.56 5.07
C PRO A 276 -0.87 -19.85 5.90
N SER A 277 -1.22 -21.12 6.08
N SER A 277 -1.22 -21.12 6.08
CA SER A 277 -2.41 -21.47 6.84
CA SER A 277 -2.42 -21.46 6.85
C SER A 277 -2.29 -21.12 8.32
C SER A 277 -2.29 -21.13 8.33
N ASP A 278 -1.07 -20.90 8.82
CA ASP A 278 -0.86 -20.53 10.22
C ASP A 278 -1.01 -19.03 10.46
N ARG A 279 -1.17 -18.23 9.40
CA ARG A 279 -1.29 -16.80 9.57
C ARG A 279 -2.73 -16.43 9.94
N PRO A 280 -2.92 -15.30 10.63
CA PRO A 280 -4.28 -14.89 10.98
C PRO A 280 -5.04 -14.41 9.76
N THR A 281 -6.37 -14.51 9.85
CA THR A 281 -7.26 -13.80 8.93
C THR A 281 -7.27 -12.32 9.30
N PHE A 282 -7.89 -11.50 8.43
CA PHE A 282 -7.99 -10.09 8.76
C PHE A 282 -8.83 -9.90 10.01
N GLU A 283 -9.86 -10.74 10.18
CA GLU A 283 -10.69 -10.68 11.37
C GLU A 283 -9.88 -10.95 12.62
N GLU A 284 -9.03 -11.99 12.58
CA GLU A 284 -8.22 -12.32 13.75
C GLU A 284 -7.20 -11.22 14.05
N ILE A 285 -6.66 -10.57 13.03
CA ILE A 285 -5.75 -9.45 13.26
C ILE A 285 -6.48 -8.33 14.00
N GLN A 286 -7.65 -7.93 13.51
CA GLN A 286 -8.33 -6.80 14.11
C GLN A 286 -8.96 -7.12 15.47
N ASN A 287 -9.19 -8.41 15.78
CA ASN A 287 -9.62 -8.81 17.11
C ASN A 287 -8.45 -9.06 18.06
N HIS A 288 -7.21 -8.99 17.57
CA HIS A 288 -6.06 -9.24 18.41
C HIS A 288 -5.99 -8.23 19.55
N PRO A 289 -5.58 -8.65 20.75
CA PRO A 289 -5.51 -7.71 21.89
C PRO A 289 -4.68 -6.45 21.61
N TRP A 290 -3.61 -6.54 20.82
CA TRP A 290 -2.83 -5.34 20.55
C TRP A 290 -3.60 -4.29 19.76
N MET A 291 -4.63 -4.69 19.02
CA MET A 291 -5.34 -3.81 18.12
C MET A 291 -6.48 -3.07 18.79
N GLN A 292 -6.72 -3.27 20.08
CA GLN A 292 -7.91 -2.70 20.67
C GLN A 292 -7.69 -1.23 21.05
N ASP A 293 -8.79 -0.49 21.14
CA ASP A 293 -8.79 0.90 21.58
C ASP A 293 -7.98 1.81 20.64
N VAL A 294 -8.20 1.60 19.34
CA VAL A 294 -7.49 2.41 18.34
C VAL A 294 -7.95 3.87 18.43
N LEU A 295 -7.03 4.78 18.13
CA LEU A 295 -7.37 6.19 18.01
C LEU A 295 -8.17 6.44 16.73
N LEU A 296 -9.01 7.47 16.78
CA LEU A 296 -9.64 7.97 15.56
C LEU A 296 -8.60 8.70 14.71
N PRO A 297 -8.87 8.85 13.41
CA PRO A 297 -7.89 9.57 12.57
C PRO A 297 -7.63 10.99 13.04
N GLN A 298 -8.68 11.73 13.42
CA GLN A 298 -8.49 13.10 13.89
C GLN A 298 -7.69 13.14 15.19
N GLU A 299 -7.97 12.23 16.13
CA GLU A 299 -7.16 12.14 17.34
C GLU A 299 -5.70 11.85 17.00
N THR A 300 -5.48 10.96 16.03
CA THR A 300 -4.12 10.62 15.63
C THR A 300 -3.37 11.85 15.12
N ALA A 301 -4.02 12.65 14.27
CA ALA A 301 -3.39 13.86 13.74
C ALA A 301 -3.10 14.86 14.85
N GLU A 302 -4.02 15.02 15.80
CA GLU A 302 -3.83 16.04 16.83
C GLU A 302 -2.76 15.61 17.83
N ILE A 303 -2.69 14.31 18.14
CA ILE A 303 -1.72 13.85 19.14
C ILE A 303 -0.33 13.69 18.54
N HIS A 304 -0.23 13.12 17.33
CA HIS A 304 1.04 12.67 16.78
C HIS A 304 1.51 13.43 15.55
N LEU A 305 0.64 14.14 14.84
CA LEU A 305 1.04 14.73 13.57
C LEU A 305 1.08 16.26 13.58
N HIS A 306 0.23 16.92 14.35
CA HIS A 306 0.24 18.38 14.40
C HIS A 306 1.36 18.89 15.30
N ARG B 2 22.42 2.07 10.92
CA ARG B 2 22.06 1.01 9.97
C ARG B 2 21.41 1.62 8.73
N LYS B 3 21.63 0.99 7.57
CA LYS B 3 21.18 1.56 6.29
C LYS B 3 19.75 1.12 6.00
N ARG B 4 18.83 2.08 6.06
CA ARG B 4 17.45 1.87 5.67
C ARG B 4 17.29 2.37 4.24
N ARG B 5 16.65 1.57 3.39
CA ARG B 5 16.51 1.98 2.01
C ARG B 5 15.15 1.58 1.47
N ARG B 6 14.80 2.21 0.35
CA ARG B 6 13.63 1.81 -0.42
C ARG B 6 13.98 0.58 -1.25
N HIS B 7 12.95 -0.13 -1.70
CA HIS B 7 13.13 -1.32 -2.52
C HIS B 7 12.19 -1.22 -3.73
N PRO B 8 12.73 -1.39 -4.94
CA PRO B 8 11.87 -1.26 -6.14
C PRO B 8 10.93 -2.44 -6.27
N SER B 9 9.80 -2.20 -6.92
CA SER B 9 8.81 -3.25 -7.11
C SER B 9 9.15 -4.11 -8.33
#